data_4EXT
#
_entry.id   4EXT
#
_cell.length_a   48.699
_cell.length_b   71.523
_cell.length_c   84.053
_cell.angle_alpha   90.000
_cell.angle_beta   90.000
_cell.angle_gamma   90.000
#
_symmetry.space_group_name_H-M   'P 21 21 21'
#
loop_
_entity.id
_entity.type
_entity.pdbx_description
1 polymer 'DNA repair protein REV1'
2 polymer 'peptide from DNA polymerase zeta catalytic subunit'
3 polymer 'Mitotic spindle assembly checkpoint protein MAD2B'
4 water water
#
loop_
_entity_poly.entity_id
_entity_poly.type
_entity_poly.pdbx_seq_one_letter_code
_entity_poly.pdbx_strand_id
1 'polypeptide(L)'
;APNLAGAVEFNDVKTLLREWITTISDPMEEDILQVVKYCTDLIEEKDLEKLDLVIKYMKRLMQQSVESVWNMAFDFILDN
VQVVLQQTYGSTLKVT
;
A
2 'polypeptide(L)' RTANILKPLMSPPSREEIMATLL B
3 'polypeptide(L)'
;TQDLNFGQVVADVLCEFLEVAVHLILYVREVYPVGIFQKRKKYNVPVQMSCHPELNQYIQDTLHCVKPLLEKNDVEKVVV
VILDKEHRPVEKFVFEITQPPLLSISSDSLLSHVEQLLRAFILKISVCDAVLDHNPPGCTFTVLVHTREAATRNMEKIQV
IKDFPWILADEQDVHMHDPRLIPLKTMTSDILKMQLYVEERAHK
;
C
#
# COMPACT_ATOMS: atom_id res chain seq x y z
N ALA A 1 1.97 18.74 -5.87
CA ALA A 1 1.19 19.66 -6.74
C ALA A 1 -0.03 20.27 -6.02
N PRO A 2 -0.89 19.42 -5.43
CA PRO A 2 -2.07 19.93 -4.73
C PRO A 2 -1.68 20.93 -3.65
N ASN A 3 -2.51 21.95 -3.46
CA ASN A 3 -2.22 22.95 -2.45
C ASN A 3 -3.49 23.53 -1.84
N LEU A 4 -3.36 24.04 -0.63
CA LEU A 4 -4.48 24.65 0.08
C LEU A 4 -4.15 26.13 0.24
N ALA A 5 -4.78 26.96 -0.58
CA ALA A 5 -4.58 28.40 -0.55
C ALA A 5 -3.12 28.78 -0.80
N GLY A 6 -2.45 28.01 -1.66
CA GLY A 6 -1.06 28.28 -1.96
C GLY A 6 -0.08 27.41 -1.20
N ALA A 7 -0.53 26.85 -0.07
CA ALA A 7 0.33 25.99 0.75
C ALA A 7 0.44 24.61 0.12
N VAL A 8 1.68 24.18 -0.14
CA VAL A 8 1.95 22.88 -0.74
C VAL A 8 2.54 21.89 0.26
N GLU A 9 3.63 22.30 0.90
CA GLU A 9 4.30 21.44 1.87
C GLU A 9 3.37 21.08 3.03
N PHE A 10 3.34 19.80 3.39
CA PHE A 10 2.49 19.31 4.47
C PHE A 10 2.45 20.20 5.71
N ASN A 11 3.62 20.54 6.24
CA ASN A 11 3.71 21.39 7.42
C ASN A 11 2.99 22.71 7.25
N ASP A 12 3.13 23.30 6.06
CA ASP A 12 2.46 24.58 5.78
C ASP A 12 0.95 24.38 5.71
N VAL A 13 0.52 23.28 5.09
CA VAL A 13 -0.90 22.97 4.96
C VAL A 13 -1.53 22.82 6.34
N LYS A 14 -0.84 22.07 7.21
CA LYS A 14 -1.32 21.81 8.56
C LYS A 14 -1.43 23.07 9.44
N THR A 15 -0.39 23.88 9.45
CA THR A 15 -0.40 25.10 10.25
C THR A 15 -1.51 26.02 9.77
N LEU A 16 -1.76 25.99 8.46
CA LEU A 16 -2.81 26.81 7.87
C LEU A 16 -4.14 26.34 8.46
N LEU A 17 -4.30 25.02 8.57
CA LEU A 17 -5.52 24.45 9.12
C LEU A 17 -5.71 24.81 10.59
N ARG A 18 -4.66 24.67 11.40
CA ARG A 18 -4.77 24.97 12.82
C ARG A 18 -5.14 26.43 13.06
N GLU A 19 -4.47 27.34 12.36
CA GLU A 19 -4.72 28.77 12.49
C GLU A 19 -6.21 29.04 12.25
N TRP A 20 -6.68 28.59 11.09
CA TRP A 20 -8.07 28.73 10.67
C TRP A 20 -9.04 28.13 11.69
N ILE A 21 -8.89 26.85 11.95
CA ILE A 21 -9.76 26.15 12.89
C ILE A 21 -9.80 26.71 14.32
N THR A 22 -8.66 27.19 14.83
CA THR A 22 -8.62 27.69 16.19
C THR A 22 -8.83 29.20 16.40
N THR A 23 -9.13 29.94 15.33
CA THR A 23 -9.32 31.38 15.51
C THR A 23 -10.49 32.05 14.80
N ILE A 24 -11.24 31.30 13.99
CA ILE A 24 -12.34 31.93 13.24
C ILE A 24 -13.73 31.98 13.87
N SER A 25 -14.19 30.87 14.46
CA SER A 25 -15.52 30.82 15.07
C SER A 25 -16.64 30.66 14.03
N ASP A 26 -16.63 31.48 12.98
CA ASP A 26 -17.66 31.35 11.95
C ASP A 26 -17.00 31.12 10.59
N PRO A 27 -16.53 29.89 10.34
CA PRO A 27 -15.87 29.55 9.07
C PRO A 27 -16.74 29.79 7.84
N MET A 28 -16.12 30.34 6.79
CA MET A 28 -16.82 30.62 5.55
C MET A 28 -16.94 29.35 4.72
N GLU A 29 -18.10 29.15 4.10
CA GLU A 29 -18.36 27.98 3.29
C GLU A 29 -17.36 27.85 2.13
N GLU A 30 -16.87 28.98 1.67
CA GLU A 30 -15.90 29.02 0.58
C GLU A 30 -14.61 28.33 1.02
N ASP A 31 -14.20 28.59 2.26
CA ASP A 31 -12.98 27.97 2.78
C ASP A 31 -13.21 26.48 3.03
N ILE A 32 -14.41 26.11 3.46
CA ILE A 32 -14.70 24.70 3.71
C ILE A 32 -14.60 23.95 2.37
N LEU A 33 -15.13 24.55 1.32
CA LEU A 33 -15.11 23.96 -0.01
C LEU A 33 -13.69 23.85 -0.54
N GLN A 34 -12.87 24.84 -0.24
CA GLN A 34 -11.47 24.82 -0.68
C GLN A 34 -10.78 23.61 -0.07
N VAL A 35 -11.15 23.28 1.17
CA VAL A 35 -10.57 22.13 1.84
C VAL A 35 -11.03 20.84 1.16
N VAL A 36 -12.29 20.80 0.75
CA VAL A 36 -12.80 19.61 0.07
C VAL A 36 -12.05 19.42 -1.24
N LYS A 37 -11.84 20.52 -1.95
CA LYS A 37 -11.12 20.50 -3.23
C LYS A 37 -9.69 19.96 -3.06
N TYR A 38 -9.00 20.44 -2.02
CA TYR A 38 -7.65 20.00 -1.71
C TYR A 38 -7.61 18.48 -1.46
N CYS A 39 -8.51 18.00 -0.62
CA CYS A 39 -8.59 16.58 -0.31
C CYS A 39 -8.85 15.74 -1.56
N THR A 40 -9.78 16.18 -2.43
CA THR A 40 -10.06 15.40 -3.63
C THR A 40 -8.86 15.45 -4.60
N ASP A 41 -8.12 16.56 -4.58
CA ASP A 41 -6.93 16.65 -5.43
C ASP A 41 -5.86 15.69 -4.95
N LEU A 42 -5.80 15.47 -3.63
CA LEU A 42 -4.83 14.55 -3.07
C LEU A 42 -5.15 13.14 -3.56
N ILE A 43 -6.44 12.83 -3.62
CA ILE A 43 -6.87 11.52 -4.11
C ILE A 43 -6.45 11.37 -5.57
N GLU A 44 -6.67 12.41 -6.36
CA GLU A 44 -6.32 12.38 -7.78
C GLU A 44 -4.80 12.29 -7.98
N GLU A 45 -4.05 12.99 -7.12
CA GLU A 45 -2.60 12.97 -7.25
C GLU A 45 -1.94 11.76 -6.59
N LYS A 46 -2.77 10.83 -6.13
CA LYS A 46 -2.28 9.61 -5.50
C LYS A 46 -1.41 9.81 -4.25
N ASP A 47 -1.82 10.72 -3.37
CA ASP A 47 -1.08 10.92 -2.13
C ASP A 47 -2.05 10.63 -0.99
N LEU A 48 -2.35 9.36 -0.81
CA LEU A 48 -3.29 8.95 0.23
C LEU A 48 -2.73 9.09 1.64
N GLU A 49 -1.40 9.13 1.80
CA GLU A 49 -0.88 9.28 3.15
C GLU A 49 -1.20 10.67 3.65
N LYS A 50 -1.01 11.66 2.79
CA LYS A 50 -1.30 13.04 3.15
C LYS A 50 -2.79 13.23 3.41
N LEU A 51 -3.64 12.58 2.63
CA LEU A 51 -5.08 12.68 2.82
C LEU A 51 -5.48 12.15 4.20
N ASP A 52 -4.92 11.00 4.56
CA ASP A 52 -5.20 10.36 5.85
C ASP A 52 -4.78 11.21 7.05
N LEU A 53 -3.57 11.78 6.97
CA LEU A 53 -3.04 12.62 8.03
C LEU A 53 -3.82 13.92 8.21
N VAL A 54 -4.25 14.51 7.10
CA VAL A 54 -5.00 15.75 7.15
C VAL A 54 -6.41 15.51 7.67
N ILE A 55 -7.06 14.44 7.21
CA ILE A 55 -8.42 14.13 7.68
C ILE A 55 -8.32 13.89 9.19
N LYS A 56 -7.32 13.13 9.60
CA LYS A 56 -7.11 12.86 11.02
C LYS A 56 -6.85 14.15 11.81
N TYR A 57 -6.05 15.04 11.26
CA TYR A 57 -5.75 16.29 11.96
C TYR A 57 -6.97 17.21 12.07
N MET A 58 -7.76 17.28 11.01
CA MET A 58 -8.95 18.14 11.05
C MET A 58 -9.99 17.55 11.98
N LYS A 59 -10.10 16.23 11.97
CA LYS A 59 -11.05 15.55 12.83
C LYS A 59 -10.75 15.87 14.28
N ARG A 60 -9.48 15.81 14.66
CA ARG A 60 -9.09 16.10 16.03
C ARG A 60 -9.54 17.50 16.40
N LEU A 61 -9.18 18.47 15.58
CA LEU A 61 -9.51 19.87 15.82
C LEU A 61 -10.96 20.31 15.60
N MET A 62 -11.66 19.70 14.66
CA MET A 62 -13.03 20.10 14.40
C MET A 62 -14.04 19.44 15.29
N GLN A 63 -13.67 18.33 15.90
CA GLN A 63 -14.59 17.64 16.79
C GLN A 63 -14.32 18.02 18.24
N GLN A 64 -13.06 18.32 18.56
CA GLN A 64 -12.69 18.69 19.92
C GLN A 64 -13.22 20.07 20.26
N SER A 65 -14.14 20.55 19.44
CA SER A 65 -14.74 21.87 19.64
C SER A 65 -16.19 21.74 20.06
N VAL A 66 -16.57 22.53 21.06
CA VAL A 66 -17.94 22.53 21.53
C VAL A 66 -18.76 23.18 20.43
N GLU A 67 -18.09 23.97 19.62
CA GLU A 67 -18.72 24.68 18.51
C GLU A 67 -19.13 23.70 17.42
N SER A 68 -20.42 23.39 17.40
CA SER A 68 -21.00 22.46 16.46
C SER A 68 -20.76 22.82 15.00
N VAL A 69 -20.50 24.09 14.73
CA VAL A 69 -20.26 24.50 13.36
C VAL A 69 -19.08 23.70 12.79
N TRP A 70 -18.05 23.50 13.61
CA TRP A 70 -16.89 22.75 13.15
C TRP A 70 -17.23 21.27 13.07
N ASN A 71 -18.07 20.78 13.98
CA ASN A 71 -18.45 19.37 13.96
C ASN A 71 -19.08 19.07 12.59
N MET A 72 -19.99 19.95 12.18
CA MET A 72 -20.69 19.81 10.90
C MET A 72 -19.77 20.06 9.71
N ALA A 73 -18.85 20.99 9.84
CA ALA A 73 -17.90 21.26 8.77
C ALA A 73 -17.10 19.99 8.46
N PHE A 74 -16.67 19.29 9.51
CA PHE A 74 -15.90 18.06 9.31
C PHE A 74 -16.70 16.94 8.65
N ASP A 75 -17.94 16.75 9.09
CA ASP A 75 -18.78 15.71 8.52
C ASP A 75 -18.95 15.94 7.02
N PHE A 76 -19.16 17.20 6.65
CA PHE A 76 -19.32 17.55 5.26
C PHE A 76 -18.03 17.24 4.49
N ILE A 77 -16.91 17.63 5.06
CA ILE A 77 -15.64 17.39 4.38
C ILE A 77 -15.39 15.88 4.19
N LEU A 78 -15.46 15.11 5.27
CA LEU A 78 -15.24 13.67 5.18
C LEU A 78 -16.21 13.03 4.19
N ASP A 79 -17.47 13.42 4.30
CA ASP A 79 -18.53 12.93 3.43
C ASP A 79 -18.16 13.01 1.94
N ASN A 80 -17.75 14.19 1.49
CA ASN A 80 -17.39 14.34 0.09
C ASN A 80 -16.08 13.64 -0.25
N VAL A 81 -15.25 13.39 0.74
CA VAL A 81 -14.00 12.69 0.49
C VAL A 81 -14.32 11.20 0.24
N GLN A 82 -15.12 10.63 1.14
CA GLN A 82 -15.52 9.24 1.06
C GLN A 82 -16.21 8.89 -0.25
N VAL A 83 -17.12 9.76 -0.69
CA VAL A 83 -17.82 9.52 -1.94
C VAL A 83 -16.85 9.42 -3.11
N VAL A 84 -15.81 10.23 -3.08
CA VAL A 84 -14.83 10.19 -4.17
C VAL A 84 -13.90 8.98 -4.07
N LEU A 85 -13.50 8.59 -2.86
CA LEU A 85 -12.65 7.42 -2.68
C LEU A 85 -13.35 6.15 -3.13
N GLN A 86 -14.62 6.05 -2.79
CA GLN A 86 -15.43 4.90 -3.13
C GLN A 86 -15.47 4.65 -4.64
N GLN A 87 -15.51 5.71 -5.43
CA GLN A 87 -15.55 5.58 -6.89
C GLN A 87 -14.19 5.47 -7.55
N THR A 88 -13.16 5.99 -6.89
CA THR A 88 -11.82 5.97 -7.45
C THR A 88 -10.97 4.79 -6.99
N TYR A 89 -11.04 4.48 -5.70
CA TYR A 89 -10.26 3.37 -5.14
C TYR A 89 -11.15 2.17 -4.81
N GLY A 90 -12.45 2.43 -4.69
CA GLY A 90 -13.39 1.35 -4.39
C GLY A 90 -13.52 1.06 -2.91
N SER A 91 -13.03 1.97 -2.07
CA SER A 91 -13.09 1.79 -0.64
C SER A 91 -13.25 3.12 0.06
N THR A 92 -13.58 3.10 1.34
CA THR A 92 -13.72 4.34 2.07
C THR A 92 -12.69 4.40 3.17
N LEU A 93 -12.15 5.59 3.38
CA LEU A 93 -11.13 5.81 4.38
C LEU A 93 -11.59 5.32 5.75
N LYS A 94 -10.74 4.56 6.42
CA LYS A 94 -11.07 4.10 7.75
C LYS A 94 -10.76 5.30 8.62
N VAL A 95 -11.74 5.71 9.43
CA VAL A 95 -11.54 6.86 10.28
C VAL A 95 -12.03 6.51 11.68
N THR A 96 -11.09 6.46 12.61
CA THR A 96 -11.35 6.15 14.02
C THR A 96 -10.08 6.37 14.82
N ARG B 1 -13.29 -5.59 -15.28
CA ARG B 1 -12.86 -6.57 -16.28
C ARG B 1 -11.76 -7.48 -15.75
N THR B 2 -11.03 -7.00 -14.73
CA THR B 2 -9.94 -7.77 -14.14
C THR B 2 -9.07 -8.33 -15.28
N ALA B 3 -9.08 -7.63 -16.41
CA ALA B 3 -8.33 -8.05 -17.57
C ALA B 3 -6.83 -7.77 -17.43
N ASN B 4 -6.48 -6.85 -16.53
CA ASN B 4 -5.10 -6.47 -16.31
C ASN B 4 -4.55 -7.04 -15.01
N ILE B 5 -5.24 -8.03 -14.44
CA ILE B 5 -4.82 -8.61 -13.17
C ILE B 5 -4.34 -10.06 -13.31
N LEU B 6 -3.08 -10.28 -12.96
CA LEU B 6 -2.47 -11.60 -13.05
C LEU B 6 -2.13 -12.15 -11.65
N LYS B 7 -2.21 -13.47 -11.52
CA LYS B 7 -1.88 -14.09 -10.26
C LYS B 7 -1.22 -15.45 -10.49
N PRO B 8 -0.45 -15.91 -9.50
CA PRO B 8 0.22 -17.20 -9.65
C PRO B 8 -0.82 -18.33 -9.65
N LEU B 9 -0.62 -19.33 -10.51
CA LEU B 9 -1.53 -20.46 -10.55
C LEU B 9 -1.36 -21.26 -9.25
N MET B 10 -0.11 -21.39 -8.80
CA MET B 10 0.18 -22.14 -7.59
C MET B 10 -0.07 -21.35 -6.32
N SER B 11 -0.44 -22.05 -5.25
CA SER B 11 -0.68 -21.42 -3.96
C SER B 11 0.56 -21.66 -3.11
N PRO B 12 0.84 -20.77 -2.17
CA PRO B 12 2.03 -20.99 -1.34
C PRO B 12 1.71 -22.04 -0.28
N PRO B 13 2.74 -22.59 0.38
CA PRO B 13 2.42 -23.58 1.41
C PRO B 13 1.57 -22.94 2.49
N SER B 14 0.50 -23.60 2.90
CA SER B 14 -0.37 -23.05 3.94
C SER B 14 0.34 -23.04 5.28
N ARG B 15 -0.13 -22.20 6.19
CA ARG B 15 0.49 -22.12 7.51
C ARG B 15 0.42 -23.50 8.16
N GLU B 16 -0.67 -24.23 7.88
CA GLU B 16 -0.85 -25.57 8.41
C GLU B 16 0.25 -26.46 7.85
N GLU B 17 0.39 -26.44 6.53
CA GLU B 17 1.40 -27.24 5.85
C GLU B 17 2.78 -26.93 6.41
N ILE B 18 3.05 -25.65 6.66
CA ILE B 18 4.33 -25.23 7.20
C ILE B 18 4.58 -25.89 8.55
N MET B 19 3.51 -26.13 9.31
CA MET B 19 3.62 -26.75 10.62
C MET B 19 4.51 -27.99 10.60
N ALA B 20 4.58 -28.66 9.45
CA ALA B 20 5.41 -29.84 9.30
C ALA B 20 6.86 -29.37 9.15
N THR B 21 7.53 -29.19 10.29
CA THR B 21 8.92 -28.73 10.32
C THR B 21 9.93 -29.63 9.61
N LEU B 22 10.37 -29.20 8.44
CA LEU B 22 11.36 -29.93 7.67
C LEU B 22 12.62 -29.08 7.53
N LEU B 23 12.51 -27.82 7.93
CA LEU B 23 13.62 -26.89 7.88
C LEU B 23 14.25 -26.80 6.50
N THR C 1 33.34 10.15 -14.93
CA THR C 1 33.53 9.31 -13.75
C THR C 1 33.50 7.83 -14.13
N GLN C 2 32.37 7.16 -13.87
CA GLN C 2 32.23 5.75 -14.19
C GLN C 2 31.25 5.50 -15.33
N ASP C 3 31.52 4.47 -16.12
CA ASP C 3 30.66 4.11 -17.24
C ASP C 3 29.86 2.85 -16.95
N LEU C 4 30.36 2.03 -16.03
CA LEU C 4 29.68 0.79 -15.66
C LEU C 4 28.39 1.08 -14.90
N ASN C 5 27.26 0.84 -15.56
CA ASN C 5 25.96 1.05 -14.94
C ASN C 5 25.02 -0.10 -15.29
N PHE C 6 24.26 -0.55 -14.30
CA PHE C 6 23.35 -1.67 -14.48
C PHE C 6 22.16 -1.34 -15.39
N GLY C 7 21.57 -0.17 -15.21
CA GLY C 7 20.44 0.23 -16.05
C GLY C 7 19.12 -0.38 -15.64
N GLN C 8 19.18 -1.55 -15.02
CA GLN C 8 17.98 -2.25 -14.55
C GLN C 8 18.01 -2.28 -13.03
N VAL C 9 18.73 -1.31 -12.46
CA VAL C 9 18.89 -1.18 -11.02
C VAL C 9 17.59 -0.94 -10.26
N VAL C 10 16.80 0.01 -10.74
CA VAL C 10 15.53 0.36 -10.10
C VAL C 10 14.60 -0.85 -9.93
N ALA C 11 14.50 -1.67 -10.98
CA ALA C 11 13.62 -2.84 -10.94
C ALA C 11 14.15 -3.84 -9.93
N ASP C 12 15.46 -3.97 -9.86
CA ASP C 12 16.07 -4.90 -8.92
C ASP C 12 15.96 -4.39 -7.50
N VAL C 13 16.04 -3.07 -7.33
CA VAL C 13 15.91 -2.50 -6.00
C VAL C 13 14.47 -2.68 -5.52
N LEU C 14 13.52 -2.53 -6.44
CA LEU C 14 12.11 -2.70 -6.12
C LEU C 14 11.78 -4.15 -5.79
N CYS C 15 12.29 -5.06 -6.60
CA CYS C 15 12.05 -6.48 -6.40
C CYS C 15 12.60 -6.90 -5.04
N GLU C 16 13.82 -6.45 -4.74
CA GLU C 16 14.45 -6.76 -3.48
C GLU C 16 13.61 -6.20 -2.32
N PHE C 17 13.17 -4.96 -2.48
CA PHE C 17 12.35 -4.32 -1.46
C PHE C 17 11.05 -5.09 -1.29
N LEU C 18 10.43 -5.47 -2.40
CA LEU C 18 9.17 -6.20 -2.32
C LEU C 18 9.33 -7.51 -1.59
N GLU C 19 10.47 -8.19 -1.76
CA GLU C 19 10.67 -9.44 -1.05
C GLU C 19 10.71 -9.21 0.45
N VAL C 20 11.44 -8.20 0.89
CA VAL C 20 11.52 -7.90 2.31
C VAL C 20 10.15 -7.54 2.87
N ALA C 21 9.42 -6.69 2.15
CA ALA C 21 8.10 -6.27 2.57
C ALA C 21 7.14 -7.45 2.69
N VAL C 22 7.18 -8.35 1.72
CA VAL C 22 6.30 -9.51 1.77
C VAL C 22 6.62 -10.35 2.98
N HIS C 23 7.91 -10.58 3.24
CA HIS C 23 8.29 -11.38 4.40
C HIS C 23 7.79 -10.70 5.67
N LEU C 24 8.03 -9.41 5.79
CA LEU C 24 7.61 -8.66 6.98
C LEU C 24 6.09 -8.70 7.17
N ILE C 25 5.35 -8.50 6.09
CA ILE C 25 3.89 -8.53 6.15
C ILE C 25 3.39 -9.86 6.69
N LEU C 26 3.97 -10.95 6.22
CA LEU C 26 3.55 -12.29 6.65
C LEU C 26 3.81 -12.47 8.14
N TYR C 27 4.88 -11.86 8.62
CA TYR C 27 5.25 -11.91 10.03
C TYR C 27 4.29 -11.11 10.93
N VAL C 28 4.16 -9.82 10.64
CA VAL C 28 3.30 -8.96 11.46
C VAL C 28 1.82 -9.30 11.39
N ARG C 29 1.38 -9.91 10.31
CA ARG C 29 -0.04 -10.27 10.20
C ARG C 29 -0.26 -11.71 10.65
N GLU C 30 0.82 -12.31 11.16
CA GLU C 30 0.77 -13.67 11.68
C GLU C 30 0.15 -14.69 10.74
N VAL C 31 0.60 -14.67 9.48
CA VAL C 31 0.10 -15.60 8.49
C VAL C 31 0.86 -16.91 8.69
N TYR C 32 2.05 -16.81 9.27
CA TYR C 32 2.89 -17.96 9.54
C TYR C 32 3.43 -17.81 10.97
N PRO C 33 3.77 -18.92 11.62
CA PRO C 33 4.30 -18.86 12.99
C PRO C 33 5.62 -18.11 13.07
N VAL C 34 5.77 -17.28 14.10
CA VAL C 34 7.00 -16.52 14.29
C VAL C 34 8.22 -17.41 14.29
N GLY C 35 8.01 -18.69 14.54
CA GLY C 35 9.10 -19.64 14.60
C GLY C 35 9.95 -19.75 13.34
N ILE C 36 9.34 -19.59 12.17
CA ILE C 36 10.09 -19.70 10.93
C ILE C 36 10.78 -18.40 10.53
N PHE C 37 10.60 -17.35 11.33
CA PHE C 37 11.19 -16.06 11.04
C PHE C 37 12.43 -15.75 11.84
N GLN C 38 13.37 -15.07 11.20
CA GLN C 38 14.60 -14.68 11.84
C GLN C 38 14.83 -13.18 11.69
N LYS C 39 15.07 -12.52 12.81
CA LYS C 39 15.31 -11.09 12.83
C LYS C 39 16.52 -10.80 11.94
N ARG C 40 16.44 -9.72 11.18
CA ARG C 40 17.54 -9.31 10.30
C ARG C 40 17.59 -7.80 10.15
N LYS C 41 18.58 -7.32 9.41
CA LYS C 41 18.71 -5.90 9.19
C LYS C 41 18.67 -5.63 7.69
N LYS C 42 17.76 -4.74 7.29
CA LYS C 42 17.60 -4.36 5.89
C LYS C 42 17.30 -2.87 5.88
N TYR C 43 17.93 -2.13 4.97
CA TYR C 43 17.72 -0.68 4.90
C TYR C 43 18.09 -0.03 6.22
N ASN C 44 18.89 -0.73 7.00
CA ASN C 44 19.38 -0.29 8.31
C ASN C 44 18.36 -0.36 9.43
N VAL C 45 17.30 -1.15 9.23
CA VAL C 45 16.28 -1.31 10.26
C VAL C 45 15.99 -2.80 10.41
N PRO C 46 15.42 -3.21 11.55
CA PRO C 46 15.11 -4.61 11.77
C PRO C 46 13.90 -5.09 10.97
N VAL C 47 14.02 -6.28 10.40
CA VAL C 47 12.95 -6.89 9.62
C VAL C 47 12.89 -8.38 10.01
N GLN C 48 11.83 -9.06 9.59
CA GLN C 48 11.69 -10.49 9.87
C GLN C 48 11.64 -11.27 8.58
N MET C 49 12.60 -12.18 8.41
CA MET C 49 12.69 -13.00 7.20
C MET C 49 12.49 -14.47 7.50
N SER C 50 11.72 -15.14 6.64
CA SER C 50 11.44 -16.55 6.78
C SER C 50 12.68 -17.38 6.45
N CYS C 51 12.84 -18.49 7.17
CA CYS C 51 13.96 -19.40 6.95
C CYS C 51 13.44 -20.71 6.34
N HIS C 52 12.15 -20.72 6.00
CA HIS C 52 11.50 -21.89 5.41
C HIS C 52 11.70 -21.88 3.89
N PRO C 53 12.49 -22.84 3.35
CA PRO C 53 12.80 -22.96 1.92
C PRO C 53 11.59 -22.99 0.98
N GLU C 54 10.54 -23.72 1.36
CA GLU C 54 9.34 -23.83 0.55
C GLU C 54 8.72 -22.45 0.37
N LEU C 55 8.52 -21.75 1.49
CA LEU C 55 7.92 -20.42 1.45
C LEU C 55 8.83 -19.43 0.72
N ASN C 56 10.12 -19.43 1.06
CA ASN C 56 11.05 -18.52 0.42
C ASN C 56 11.08 -18.69 -1.09
N GLN C 57 11.10 -19.94 -1.55
CA GLN C 57 11.13 -20.22 -2.98
C GLN C 57 9.88 -19.69 -3.68
N TYR C 58 8.75 -19.79 -3.00
CA TYR C 58 7.50 -19.30 -3.56
C TYR C 58 7.57 -17.79 -3.76
N ILE C 59 8.02 -17.08 -2.73
CA ILE C 59 8.12 -15.63 -2.78
C ILE C 59 9.15 -15.18 -3.82
N GLN C 60 10.27 -15.88 -3.88
CA GLN C 60 11.30 -15.53 -4.85
C GLN C 60 10.79 -15.76 -6.28
N ASP C 61 10.19 -16.92 -6.53
CA ASP C 61 9.68 -17.21 -7.87
C ASP C 61 8.68 -16.14 -8.31
N THR C 62 7.80 -15.77 -7.39
CA THR C 62 6.78 -14.77 -7.68
C THR C 62 7.41 -13.45 -8.12
N LEU C 63 8.30 -12.90 -7.31
CA LEU C 63 8.92 -11.62 -7.64
C LEU C 63 9.86 -11.68 -8.84
N HIS C 64 10.44 -12.85 -9.09
CA HIS C 64 11.32 -12.98 -10.24
C HIS C 64 10.52 -12.80 -11.53
N CYS C 65 9.32 -13.36 -11.54
CA CYS C 65 8.47 -13.25 -12.72
C CYS C 65 8.01 -11.81 -12.90
N VAL C 66 7.85 -11.11 -11.77
CA VAL C 66 7.39 -9.72 -11.80
C VAL C 66 8.45 -8.77 -12.33
N LYS C 67 9.69 -9.00 -11.93
CA LYS C 67 10.83 -8.16 -12.31
C LYS C 67 10.79 -7.61 -13.73
N PRO C 68 10.69 -8.49 -14.74
CA PRO C 68 10.66 -8.03 -16.13
C PRO C 68 9.59 -6.97 -16.39
N LEU C 69 8.41 -7.14 -15.80
CA LEU C 69 7.34 -6.16 -15.99
C LEU C 69 7.67 -4.84 -15.29
N LEU C 70 8.44 -4.91 -14.22
CA LEU C 70 8.83 -3.70 -13.50
C LEU C 70 9.86 -2.94 -14.32
N GLU C 71 10.74 -3.69 -14.98
CA GLU C 71 11.80 -3.11 -15.80
C GLU C 71 11.23 -2.23 -16.90
N LYS C 72 9.99 -2.48 -17.30
CA LYS C 72 9.36 -1.69 -18.34
C LYS C 72 8.22 -0.83 -17.82
N ASN C 73 8.12 -0.75 -16.50
CA ASN C 73 7.06 0.02 -15.85
C ASN C 73 5.67 -0.33 -16.38
N ASP C 74 5.37 -1.61 -16.47
CA ASP C 74 4.07 -2.07 -16.94
C ASP C 74 3.18 -2.45 -15.75
N VAL C 75 3.76 -2.37 -14.57
CA VAL C 75 3.04 -2.72 -13.34
C VAL C 75 2.46 -1.51 -12.61
N GLU C 76 1.14 -1.50 -12.47
CA GLU C 76 0.45 -0.43 -11.76
C GLU C 76 0.39 -0.70 -10.26
N LYS C 77 0.14 -1.96 -9.89
CA LYS C 77 0.06 -2.33 -8.48
C LYS C 77 0.54 -3.75 -8.22
N VAL C 78 1.18 -3.95 -7.07
CA VAL C 78 1.59 -5.27 -6.65
C VAL C 78 0.83 -5.41 -5.33
N VAL C 79 0.06 -6.48 -5.21
CA VAL C 79 -0.76 -6.69 -4.03
C VAL C 79 -0.57 -8.01 -3.29
N VAL C 80 -0.39 -7.92 -1.97
CA VAL C 80 -0.28 -9.10 -1.13
C VAL C 80 -1.68 -9.21 -0.54
N VAL C 81 -2.38 -10.28 -0.87
CA VAL C 81 -3.75 -10.50 -0.41
C VAL C 81 -3.81 -11.56 0.68
N ILE C 82 -4.21 -11.15 1.88
CA ILE C 82 -4.33 -12.10 2.98
C ILE C 82 -5.72 -12.74 2.88
N LEU C 83 -5.76 -14.07 2.81
CA LEU C 83 -7.01 -14.80 2.69
C LEU C 83 -7.32 -15.59 3.96
N ASP C 84 -8.59 -15.68 4.33
CA ASP C 84 -8.97 -16.44 5.52
C ASP C 84 -9.21 -17.91 5.14
N LYS C 85 -9.60 -18.71 6.13
CA LYS C 85 -9.87 -20.14 5.93
C LYS C 85 -10.76 -20.42 4.72
N GLU C 86 -11.84 -19.65 4.59
CA GLU C 86 -12.77 -19.84 3.47
C GLU C 86 -12.20 -19.29 2.17
N HIS C 87 -10.90 -18.98 2.18
CA HIS C 87 -10.22 -18.45 1.00
C HIS C 87 -10.81 -17.13 0.50
N ARG C 88 -11.35 -16.34 1.42
CA ARG C 88 -11.91 -15.03 1.05
C ARG C 88 -10.90 -13.98 1.49
N PRO C 89 -10.64 -12.98 0.62
CA PRO C 89 -9.69 -11.92 0.96
C PRO C 89 -10.15 -11.19 2.22
N VAL C 90 -9.23 -10.96 3.16
CA VAL C 90 -9.58 -10.24 4.38
C VAL C 90 -8.75 -8.96 4.49
N GLU C 91 -7.56 -8.98 3.92
CA GLU C 91 -6.69 -7.81 3.93
C GLU C 91 -5.90 -7.76 2.64
N LYS C 92 -5.63 -6.55 2.15
CA LYS C 92 -4.85 -6.38 0.94
C LYS C 92 -3.80 -5.30 1.18
N PHE C 93 -2.53 -5.66 1.02
CA PHE C 93 -1.43 -4.70 1.14
C PHE C 93 -1.10 -4.36 -0.29
N VAL C 94 -1.42 -3.13 -0.64
CA VAL C 94 -1.27 -2.62 -2.00
C VAL C 94 -0.11 -1.69 -2.22
N PHE C 95 0.77 -2.06 -3.14
CA PHE C 95 1.89 -1.21 -3.49
C PHE C 95 1.55 -0.59 -4.85
N GLU C 96 1.12 0.67 -4.85
CA GLU C 96 0.78 1.36 -6.09
C GLU C 96 2.09 2.01 -6.54
N ILE C 97 2.56 1.59 -7.71
CA ILE C 97 3.83 2.06 -8.25
C ILE C 97 3.78 2.95 -9.49
N THR C 98 4.67 3.94 -9.51
CA THR C 98 4.80 4.89 -10.62
C THR C 98 6.29 5.13 -10.83
N GLN C 99 6.77 4.88 -12.05
CA GLN C 99 8.18 5.07 -12.34
C GLN C 99 8.42 6.17 -13.37
N PRO C 100 8.73 7.39 -12.88
CA PRO C 100 9.00 8.56 -13.72
C PRO C 100 10.42 8.53 -14.29
N SER C 107 21.63 7.48 -10.35
CA SER C 107 21.86 6.51 -9.28
C SER C 107 22.92 7.02 -8.30
N ASP C 108 23.79 6.11 -7.86
CA ASP C 108 24.86 6.45 -6.94
C ASP C 108 24.28 6.84 -5.58
N SER C 109 24.56 8.07 -5.17
CA SER C 109 24.08 8.59 -3.89
C SER C 109 22.55 8.73 -3.94
N LEU C 110 22.04 9.06 -5.12
CA LEU C 110 20.61 9.24 -5.32
C LEU C 110 19.94 7.87 -5.20
N LEU C 111 20.69 6.83 -5.51
CA LEU C 111 20.17 5.47 -5.44
C LEU C 111 20.01 5.07 -3.98
N SER C 112 20.88 5.61 -3.13
CA SER C 112 20.80 5.33 -1.70
C SER C 112 19.72 6.21 -1.13
N HIS C 113 19.30 7.19 -1.93
CA HIS C 113 18.25 8.12 -1.53
C HIS C 113 16.93 7.38 -1.45
N VAL C 114 16.69 6.50 -2.43
CA VAL C 114 15.46 5.72 -2.46
C VAL C 114 15.50 4.71 -1.32
N GLU C 115 16.70 4.28 -0.96
CA GLU C 115 16.88 3.34 0.14
C GLU C 115 16.27 3.96 1.38
N GLN C 116 16.63 5.22 1.62
CA GLN C 116 16.09 5.93 2.78
C GLN C 116 14.58 6.05 2.65
N LEU C 117 14.12 6.30 1.43
CA LEU C 117 12.69 6.45 1.18
C LEU C 117 11.93 5.15 1.39
N LEU C 118 12.51 4.04 0.94
CA LEU C 118 11.88 2.73 1.10
C LEU C 118 11.85 2.28 2.56
N ARG C 119 12.83 2.73 3.32
CA ARG C 119 12.91 2.38 4.73
C ARG C 119 11.64 2.79 5.47
N ALA C 120 11.07 3.93 5.09
CA ALA C 120 9.86 4.40 5.74
C ALA C 120 8.72 3.38 5.61
N PHE C 121 8.66 2.69 4.46
CA PHE C 121 7.62 1.70 4.24
C PHE C 121 7.80 0.49 5.15
N ILE C 122 9.05 0.06 5.32
CA ILE C 122 9.36 -1.07 6.18
C ILE C 122 8.90 -0.75 7.60
N LEU C 123 9.26 0.43 8.09
CA LEU C 123 8.90 0.86 9.43
C LEU C 123 7.38 0.90 9.64
N LYS C 124 6.65 1.40 8.65
CA LYS C 124 5.20 1.49 8.73
C LYS C 124 4.57 0.09 8.79
N ILE C 125 5.13 -0.85 8.02
CA ILE C 125 4.62 -2.21 8.05
C ILE C 125 4.84 -2.79 9.45
N SER C 126 6.02 -2.58 10.01
CA SER C 126 6.35 -3.11 11.34
C SER C 126 5.35 -2.78 12.44
N VAL C 127 4.65 -1.64 12.31
CA VAL C 127 3.69 -1.25 13.32
C VAL C 127 2.23 -1.22 12.83
N CYS C 128 2.01 -1.54 11.56
CA CYS C 128 0.65 -1.50 11.01
C CYS C 128 -0.32 -2.34 11.84
N ASP C 129 0.22 -3.28 12.60
CA ASP C 129 -0.57 -4.15 13.46
C ASP C 129 -1.60 -3.34 14.25
N ALA C 130 -1.20 -2.14 14.66
CA ALA C 130 -2.05 -1.24 15.44
C ALA C 130 -3.21 -0.61 14.65
N VAL C 131 -2.92 -0.08 13.47
CA VAL C 131 -3.95 0.56 12.66
C VAL C 131 -4.90 -0.42 11.96
N LEU C 132 -4.70 -1.71 12.18
CA LEU C 132 -5.54 -2.73 11.56
C LEU C 132 -6.29 -3.58 12.59
N ASP C 133 -7.33 -4.27 12.13
CA ASP C 133 -8.14 -5.15 12.98
C ASP C 133 -7.59 -6.57 12.89
N HIS C 134 -7.57 -7.28 14.01
CA HIS C 134 -7.06 -8.65 14.06
C HIS C 134 -7.65 -9.53 12.96
N ASN C 135 -6.81 -10.35 12.33
CA ASN C 135 -7.23 -11.25 11.26
C ASN C 135 -7.65 -12.63 11.77
N PRO C 136 -8.55 -13.30 11.02
CA PRO C 136 -9.05 -14.64 11.34
C PRO C 136 -7.93 -15.64 11.57
N PRO C 137 -8.27 -16.87 12.00
CA PRO C 137 -7.30 -17.94 12.27
C PRO C 137 -6.51 -18.52 11.09
N GLY C 138 -7.06 -19.53 10.43
CA GLY C 138 -6.37 -20.18 9.32
C GLY C 138 -6.21 -19.38 8.03
N CYS C 139 -5.32 -18.39 8.06
CA CYS C 139 -5.09 -17.54 6.90
C CYS C 139 -3.90 -17.98 6.05
N THR C 140 -3.97 -17.61 4.78
CA THR C 140 -2.93 -17.89 3.81
C THR C 140 -2.85 -16.61 2.97
N PHE C 141 -2.09 -16.63 1.88
CA PHE C 141 -1.99 -15.43 1.05
C PHE C 141 -1.78 -15.74 -0.41
N THR C 142 -1.88 -14.70 -1.23
CA THR C 142 -1.67 -14.82 -2.65
C THR C 142 -1.10 -13.48 -3.08
N VAL C 143 -0.69 -13.37 -4.34
CA VAL C 143 -0.14 -12.14 -4.85
C VAL C 143 -0.84 -11.78 -6.16
N LEU C 144 -1.23 -10.52 -6.29
CA LEU C 144 -1.90 -10.06 -7.49
C LEU C 144 -1.06 -8.97 -8.14
N VAL C 145 -0.97 -9.02 -9.46
CA VAL C 145 -0.24 -8.02 -10.22
C VAL C 145 -1.22 -7.31 -11.14
N HIS C 146 -1.43 -6.02 -10.90
CA HIS C 146 -2.31 -5.22 -11.75
C HIS C 146 -1.40 -4.52 -12.75
N THR C 147 -1.58 -4.80 -14.03
CA THR C 147 -0.76 -4.16 -15.06
C THR C 147 -1.45 -2.86 -15.49
N ARG C 148 -0.67 -1.91 -16.00
CA ARG C 148 -1.24 -0.63 -16.44
C ARG C 148 -2.24 -0.80 -17.56
N GLU C 149 -1.94 -1.71 -18.47
CA GLU C 149 -2.81 -1.99 -19.60
C GLU C 149 -2.92 -3.51 -19.76
N ALA C 150 -4.09 -3.98 -20.15
CA ALA C 150 -4.28 -5.40 -20.39
C ALA C 150 -3.60 -5.66 -21.72
N ALA C 151 -2.37 -6.19 -21.65
CA ALA C 151 -1.59 -6.49 -22.85
C ALA C 151 -1.05 -7.90 -22.79
N THR C 152 -1.12 -8.61 -23.92
CA THR C 152 -0.63 -9.98 -23.96
C THR C 152 0.88 -10.03 -23.67
N ARG C 153 1.58 -8.94 -23.99
CA ARG C 153 3.03 -8.86 -23.75
C ARG C 153 3.33 -9.05 -22.26
N ASN C 154 2.48 -8.49 -21.42
CA ASN C 154 2.67 -8.62 -19.97
C ASN C 154 2.61 -10.11 -19.58
N MET C 155 1.60 -10.80 -20.09
CA MET C 155 1.45 -12.22 -19.77
C MET C 155 2.65 -13.00 -20.33
N GLU C 156 3.10 -12.62 -21.53
CA GLU C 156 4.25 -13.27 -22.14
C GLU C 156 5.45 -13.15 -21.18
N LYS C 157 5.80 -11.91 -20.86
CA LYS C 157 6.93 -11.60 -19.99
C LYS C 157 6.91 -12.29 -18.63
N ILE C 158 5.72 -12.45 -18.06
CA ILE C 158 5.61 -13.06 -16.74
C ILE C 158 5.77 -14.59 -16.68
N GLN C 159 5.50 -15.28 -17.79
CA GLN C 159 5.61 -16.75 -17.80
C GLN C 159 7.07 -17.18 -17.91
N VAL C 160 7.90 -16.75 -16.95
CA VAL C 160 9.33 -17.04 -16.98
C VAL C 160 9.79 -18.29 -16.24
N ILE C 161 8.89 -18.97 -15.55
CA ILE C 161 9.24 -20.19 -14.82
C ILE C 161 8.25 -21.30 -15.11
N LYS C 162 8.69 -22.31 -15.86
CA LYS C 162 7.85 -23.44 -16.26
C LYS C 162 6.89 -23.92 -15.18
N ASP C 163 7.43 -24.36 -14.05
CA ASP C 163 6.62 -24.87 -12.97
C ASP C 163 5.92 -23.82 -12.14
N PHE C 164 5.99 -22.57 -12.58
CA PHE C 164 5.34 -21.48 -11.85
C PHE C 164 4.56 -20.56 -12.78
N PRO C 165 3.48 -21.08 -13.38
CA PRO C 165 2.66 -20.29 -14.30
C PRO C 165 1.75 -19.26 -13.64
N TRP C 166 1.32 -18.30 -14.44
CA TRP C 166 0.42 -17.25 -14.00
C TRP C 166 -0.85 -17.32 -14.84
N ILE C 167 -1.96 -16.94 -14.24
CA ILE C 167 -3.25 -16.93 -14.92
C ILE C 167 -3.87 -15.58 -14.66
N LEU C 168 -4.90 -15.26 -15.44
CA LEU C 168 -5.63 -14.01 -15.26
C LEU C 168 -6.50 -14.23 -14.04
N ALA C 169 -6.50 -13.26 -13.13
CA ALA C 169 -7.27 -13.36 -11.88
C ALA C 169 -8.78 -13.38 -12.08
N ASP C 170 -9.47 -13.91 -11.10
CA ASP C 170 -10.92 -14.00 -11.14
C ASP C 170 -11.50 -13.09 -10.07
N GLU C 171 -12.74 -12.66 -10.24
CA GLU C 171 -13.39 -11.78 -9.28
C GLU C 171 -13.28 -12.32 -7.85
N GLN C 172 -13.41 -13.63 -7.70
CA GLN C 172 -13.32 -14.25 -6.38
C GLN C 172 -11.90 -14.10 -5.80
N ASP C 173 -10.94 -13.77 -6.64
CA ASP C 173 -9.56 -13.60 -6.19
C ASP C 173 -9.30 -12.19 -5.68
N VAL C 174 -10.04 -11.23 -6.22
CA VAL C 174 -9.81 -9.83 -5.86
C VAL C 174 -10.93 -9.15 -5.08
N HIS C 175 -12.17 -9.54 -5.34
CA HIS C 175 -13.29 -8.92 -4.67
C HIS C 175 -13.26 -9.05 -3.16
N MET C 176 -13.41 -7.92 -2.48
CA MET C 176 -13.42 -7.92 -1.03
C MET C 176 -14.66 -7.16 -0.58
N HIS C 177 -15.32 -7.68 0.46
CA HIS C 177 -16.53 -7.08 0.97
C HIS C 177 -16.29 -5.80 1.78
N ASP C 178 -17.02 -4.75 1.43
CA ASP C 178 -16.95 -3.45 2.10
C ASP C 178 -15.55 -3.15 2.63
N PRO C 179 -14.59 -2.94 1.70
CA PRO C 179 -13.22 -2.65 2.12
C PRO C 179 -13.03 -1.25 2.70
N ARG C 180 -12.19 -1.15 3.72
CA ARG C 180 -11.87 0.12 4.33
C ARG C 180 -10.40 0.40 4.01
N LEU C 181 -10.09 1.64 3.66
CA LEU C 181 -8.76 2.05 3.27
C LEU C 181 -7.91 2.54 4.44
N ILE C 182 -6.65 2.14 4.46
CA ILE C 182 -5.72 2.53 5.52
C ILE C 182 -4.35 2.81 4.88
N PRO C 183 -4.09 4.08 4.53
CA PRO C 183 -2.81 4.44 3.91
C PRO C 183 -1.71 4.26 4.93
N LEU C 184 -0.54 3.81 4.48
CA LEU C 184 0.57 3.60 5.38
C LEU C 184 1.70 4.55 5.03
N LYS C 185 2.03 4.63 3.74
CA LYS C 185 3.10 5.51 3.31
C LYS C 185 3.07 5.85 1.85
N THR C 186 3.38 7.11 1.54
CA THR C 186 3.43 7.59 0.17
C THR C 186 4.80 8.28 -0.01
N MET C 187 5.54 7.87 -1.03
CA MET C 187 6.83 8.49 -1.30
C MET C 187 6.79 9.07 -2.71
N THR C 188 7.39 10.24 -2.88
CA THR C 188 7.42 10.90 -4.18
C THR C 188 8.85 11.30 -4.48
N SER C 189 9.24 11.17 -5.74
CA SER C 189 10.60 11.52 -6.17
C SER C 189 10.78 11.12 -7.61
N ASP C 190 11.80 11.68 -8.25
CA ASP C 190 12.10 11.32 -9.62
C ASP C 190 12.52 9.85 -9.55
N ILE C 191 12.40 9.14 -10.66
CA ILE C 191 12.75 7.72 -10.76
C ILE C 191 11.83 6.77 -9.97
N LEU C 192 11.07 7.30 -9.01
CA LEU C 192 10.17 6.43 -8.24
C LEU C 192 9.12 7.13 -7.37
N LYS C 193 7.85 6.88 -7.69
CA LYS C 193 6.72 7.45 -6.98
C LYS C 193 5.87 6.23 -6.59
N MET C 194 5.73 6.01 -5.29
CA MET C 194 4.98 4.84 -4.82
C MET C 194 4.27 5.04 -3.47
N GLN C 195 3.23 4.29 -3.32
CA GLN C 195 2.41 4.22 -2.11
C GLN C 195 1.95 2.93 -1.60
N LEU C 196 1.91 2.84 -0.31
CA LEU C 196 1.48 1.61 0.29
C LEU C 196 0.26 1.90 1.14
N TYR C 197 -0.80 1.17 0.87
CA TYR C 197 -2.03 1.30 1.65
C TYR C 197 -2.62 -0.08 1.81
N VAL C 198 -3.44 -0.25 2.85
CA VAL C 198 -4.07 -1.52 3.11
C VAL C 198 -5.59 -1.41 2.92
N GLU C 199 -6.17 -2.42 2.30
CA GLU C 199 -7.62 -2.48 2.12
C GLU C 199 -8.01 -3.56 3.10
N GLU C 200 -8.89 -3.21 4.04
CA GLU C 200 -9.30 -4.14 5.08
C GLU C 200 -10.80 -4.38 5.06
N ARG C 201 -11.19 -5.65 5.10
CA ARG C 201 -12.60 -6.04 5.12
C ARG C 201 -13.18 -5.39 6.37
N ALA C 202 -14.36 -4.79 6.25
CA ALA C 202 -14.99 -4.13 7.38
C ALA C 202 -15.15 -5.03 8.60
N HIS C 203 -15.71 -6.22 8.39
CA HIS C 203 -15.90 -7.16 9.50
C HIS C 203 -15.23 -8.51 9.22
N LYS C 204 -14.29 -8.88 10.10
CA LYS C 204 -13.58 -10.15 9.96
C LYS C 204 -14.08 -11.15 11.00
#